data_1U3B
#
_entry.id   1U3B
#
_entity_poly.entity_id   1
_entity_poly.type   'polypeptide(L)'
_entity_poly.pdbx_seq_one_letter_code
;EFKDVFIEKQKGEILGVVIVESGWGSILPTVIIANMMHGGPAEKSGKLNIGDQIMSINGTSLVGLPLSTCQSIIKGLKNQ
SRVKLNIVRCPPVTTVLIRRPDLRYQLGFSVQNGIICSLMRGGIAERGGVRVGHRIIEINGQSVVATPHEKIVHILSNAV
GEIHMKTMPAAMYRLLTAQEQPVYI
;
_entity_poly.pdbx_strand_id   A
#
# COMPACT_ATOMS: atom_id res chain seq x y z
N GLU A 1 8.11 -8.70 -8.13
CA GLU A 1 7.73 -10.01 -8.65
C GLU A 1 6.38 -9.95 -9.38
N PHE A 2 6.35 -10.53 -10.59
CA PHE A 2 5.13 -10.56 -11.40
C PHE A 2 3.99 -11.25 -10.66
N LYS A 3 2.78 -10.70 -10.77
CA LYS A 3 1.62 -11.28 -10.12
C LYS A 3 0.32 -10.73 -10.72
N ASP A 4 -0.56 -11.65 -11.12
CA ASP A 4 -1.85 -11.28 -11.67
C ASP A 4 -2.75 -10.70 -10.58
N VAL A 5 -3.33 -9.54 -10.86
CA VAL A 5 -4.20 -8.85 -9.90
C VAL A 5 -5.64 -8.86 -10.37
N PHE A 6 -6.45 -9.72 -9.77
CA PHE A 6 -7.86 -9.81 -10.12
C PHE A 6 -8.71 -9.05 -9.11
N ILE A 7 -9.19 -7.88 -9.52
CA ILE A 7 -10.02 -7.04 -8.68
C ILE A 7 -11.47 -7.09 -9.11
N GLU A 8 -12.26 -7.90 -8.41
CA GLU A 8 -13.68 -8.06 -8.71
C GLU A 8 -14.48 -6.91 -8.08
N LYS A 9 -15.07 -6.07 -8.93
CA LYS A 9 -15.84 -4.92 -8.46
C LYS A 9 -17.07 -4.67 -9.34
N GLN A 10 -17.74 -3.54 -9.09
CA GLN A 10 -18.92 -3.17 -9.86
C GLN A 10 -18.60 -2.06 -10.87
N LYS A 11 -19.52 -1.83 -11.80
CA LYS A 11 -19.33 -0.80 -12.82
C LYS A 11 -19.36 0.59 -12.18
N GLY A 12 -18.62 1.51 -12.77
CA GLY A 12 -18.55 2.86 -12.24
C GLY A 12 -17.63 2.96 -11.04
N GLU A 13 -16.86 1.90 -10.76
CA GLU A 13 -15.93 1.91 -9.64
C GLU A 13 -14.50 1.72 -10.14
N ILE A 14 -14.26 2.20 -11.36
CA ILE A 14 -12.95 2.13 -12.04
C ILE A 14 -11.99 1.12 -11.42
N LEU A 15 -11.37 1.52 -10.32
CA LEU A 15 -10.40 0.68 -9.59
C LEU A 15 -9.88 1.42 -8.37
N GLY A 16 -9.58 2.71 -8.56
CA GLY A 16 -9.09 3.53 -7.47
C GLY A 16 -7.58 3.51 -7.30
N VAL A 17 -6.84 3.89 -8.35
CA VAL A 17 -5.38 3.90 -8.29
C VAL A 17 -4.79 4.99 -9.18
N VAL A 18 -3.58 5.42 -8.84
CA VAL A 18 -2.86 6.44 -9.61
C VAL A 18 -1.58 5.85 -10.17
N ILE A 19 -1.41 5.97 -11.48
CA ILE A 19 -0.23 5.45 -12.14
C ILE A 19 0.65 6.55 -12.73
N VAL A 20 1.95 6.27 -12.80
CA VAL A 20 2.92 7.21 -13.35
C VAL A 20 3.95 6.48 -14.21
N GLU A 21 4.78 7.23 -14.94
CA GLU A 21 5.80 6.62 -15.78
C GLU A 21 6.87 5.92 -14.95
N SER A 22 7.18 4.67 -15.32
CA SER A 22 8.17 3.87 -14.60
C SER A 22 9.59 4.43 -14.77
N GLY A 23 9.94 5.40 -13.93
CA GLY A 23 11.27 6.02 -14.00
C GLY A 23 12.35 5.23 -13.27
N TRP A 24 11.97 4.09 -12.69
CA TRP A 24 12.91 3.22 -11.98
C TRP A 24 14.00 2.70 -12.93
N GLY A 25 14.67 1.60 -12.56
CA GLY A 25 15.70 1.03 -13.42
C GLY A 25 15.19 0.75 -14.83
N SER A 26 13.87 0.59 -14.95
CA SER A 26 13.19 0.33 -16.22
C SER A 26 13.28 -1.13 -16.60
N ILE A 27 13.09 -1.99 -15.62
CA ILE A 27 13.10 -3.42 -15.81
C ILE A 27 12.03 -3.81 -16.84
N LEU A 28 10.89 -3.12 -16.74
CA LEU A 28 9.76 -3.33 -17.64
C LEU A 28 9.04 -1.98 -17.81
N PRO A 29 9.31 -1.27 -18.92
CA PRO A 29 8.71 0.05 -19.19
C PRO A 29 7.18 0.04 -19.12
N THR A 30 6.65 0.31 -17.93
CA THR A 30 5.20 0.35 -17.72
C THR A 30 4.82 1.52 -16.80
N VAL A 31 3.68 1.39 -16.10
CA VAL A 31 3.23 2.44 -15.18
C VAL A 31 3.34 2.00 -13.73
N ILE A 32 3.79 2.92 -12.87
CA ILE A 32 3.95 2.64 -11.44
C ILE A 32 2.77 3.15 -10.62
N ILE A 33 2.31 2.35 -9.66
CA ILE A 33 1.23 2.76 -8.79
C ILE A 33 1.78 3.74 -7.76
N ALA A 34 1.71 5.01 -8.12
CA ALA A 34 2.21 6.09 -7.28
C ALA A 34 1.19 6.52 -6.24
N ASN A 35 -0.07 6.12 -6.41
CA ASN A 35 -1.12 6.47 -5.47
C ASN A 35 -2.30 5.51 -5.56
N MET A 36 -3.17 5.55 -4.55
CA MET A 36 -4.34 4.67 -4.52
C MET A 36 -5.46 5.29 -3.69
N MET A 37 -6.70 5.08 -4.14
CA MET A 37 -7.87 5.63 -3.46
C MET A 37 -7.92 5.16 -2.00
N HIS A 38 -7.38 3.97 -1.73
CA HIS A 38 -7.37 3.41 -0.38
C HIS A 38 -8.80 3.28 0.17
N GLY A 39 -9.61 2.53 -0.57
CA GLY A 39 -11.00 2.33 -0.18
C GLY A 39 -11.82 1.65 -1.26
N GLY A 40 -11.50 1.96 -2.53
CA GLY A 40 -12.20 1.36 -3.64
C GLY A 40 -11.82 -0.09 -3.85
N PRO A 41 -12.12 -0.67 -5.02
CA PRO A 41 -11.81 -2.07 -5.33
C PRO A 41 -10.33 -2.40 -5.24
N ALA A 42 -9.46 -1.41 -5.49
CA ALA A 42 -8.02 -1.62 -5.45
C ALA A 42 -7.56 -1.96 -4.04
N GLU A 43 -7.99 -1.16 -3.06
CA GLU A 43 -7.63 -1.39 -1.66
C GLU A 43 -8.48 -2.51 -1.06
N LYS A 44 -9.75 -2.56 -1.47
CA LYS A 44 -10.69 -3.56 -0.98
C LYS A 44 -10.15 -4.98 -1.20
N SER A 45 -9.65 -5.25 -2.40
CA SER A 45 -9.09 -6.56 -2.72
C SER A 45 -7.80 -6.81 -1.97
N GLY A 46 -6.88 -5.85 -2.04
CA GLY A 46 -5.59 -5.98 -1.37
C GLY A 46 -4.47 -6.42 -2.30
N LYS A 47 -4.83 -6.75 -3.54
CA LYS A 47 -3.85 -7.18 -4.53
C LYS A 47 -3.06 -6.00 -5.08
N LEU A 48 -3.76 -4.89 -5.34
CA LEU A 48 -3.13 -3.68 -5.85
C LEU A 48 -2.61 -2.81 -4.71
N ASN A 49 -1.30 -2.56 -4.71
CA ASN A 49 -0.68 -1.75 -3.68
C ASN A 49 0.33 -0.78 -4.28
N ILE A 50 0.64 0.29 -3.53
CA ILE A 50 1.59 1.28 -4.00
C ILE A 50 3.00 0.69 -4.14
N GLY A 51 3.71 1.16 -5.17
CA GLY A 51 5.05 0.66 -5.43
C GLY A 51 5.08 -0.53 -6.38
N ASP A 52 3.95 -0.78 -7.06
CA ASP A 52 3.87 -1.90 -8.01
C ASP A 52 3.65 -1.36 -9.42
N GLN A 53 4.20 -2.07 -10.41
CA GLN A 53 4.06 -1.64 -11.80
C GLN A 53 3.16 -2.57 -12.61
N ILE A 54 2.13 -1.99 -13.22
CA ILE A 54 1.17 -2.75 -14.03
C ILE A 54 1.69 -2.94 -15.45
N MET A 55 1.91 -4.20 -15.83
CA MET A 55 2.41 -4.53 -17.17
C MET A 55 1.29 -4.58 -18.20
N SER A 56 0.15 -5.18 -17.82
CA SER A 56 -0.99 -5.31 -18.72
C SER A 56 -2.31 -5.34 -17.96
N ILE A 57 -3.36 -4.81 -18.59
CA ILE A 57 -4.68 -4.78 -17.97
C ILE A 57 -5.74 -5.40 -18.89
N ASN A 58 -6.24 -6.57 -18.49
CA ASN A 58 -7.25 -7.28 -19.27
C ASN A 58 -6.80 -7.53 -20.72
N GLY A 59 -5.51 -7.88 -20.88
CA GLY A 59 -4.98 -8.15 -22.21
C GLY A 59 -4.24 -6.96 -22.81
N THR A 60 -4.60 -5.75 -22.39
CA THR A 60 -3.96 -4.54 -22.90
C THR A 60 -2.60 -4.32 -22.24
N SER A 61 -1.53 -4.66 -22.96
CA SER A 61 -0.17 -4.52 -22.45
C SER A 61 0.24 -3.04 -22.36
N LEU A 62 0.38 -2.56 -21.13
CA LEU A 62 0.79 -1.18 -20.88
C LEU A 62 2.30 -1.00 -21.10
N VAL A 63 3.04 -2.11 -21.13
CA VAL A 63 4.48 -2.07 -21.31
C VAL A 63 4.85 -1.49 -22.68
N GLY A 64 5.50 -0.32 -22.68
CA GLY A 64 5.90 0.32 -23.93
C GLY A 64 5.28 1.69 -24.12
N LEU A 65 3.96 1.79 -23.91
CA LEU A 65 3.25 3.06 -24.07
C LEU A 65 3.49 4.00 -22.88
N PRO A 66 3.32 5.32 -23.09
CA PRO A 66 3.53 6.33 -22.04
C PRO A 66 2.47 6.28 -20.94
N LEU A 67 2.60 7.19 -19.98
CA LEU A 67 1.67 7.27 -18.84
C LEU A 67 0.27 7.68 -19.29
N SER A 68 0.19 8.76 -20.08
CA SER A 68 -1.09 9.26 -20.57
C SER A 68 -1.90 8.14 -21.22
N THR A 69 -1.24 7.35 -22.07
CA THR A 69 -1.89 6.23 -22.74
C THR A 69 -2.30 5.16 -21.73
N CYS A 70 -1.38 4.81 -20.82
CA CYS A 70 -1.66 3.79 -19.80
C CYS A 70 -2.88 4.17 -18.97
N GLN A 71 -2.95 5.43 -18.54
CA GLN A 71 -4.08 5.91 -17.74
C GLN A 71 -5.39 5.73 -18.52
N SER A 72 -5.38 6.08 -19.80
CA SER A 72 -6.56 5.95 -20.65
C SER A 72 -6.96 4.47 -20.80
N ILE A 73 -5.96 3.59 -20.80
CA ILE A 73 -6.21 2.15 -20.93
C ILE A 73 -7.05 1.63 -19.78
N ILE A 74 -6.64 1.96 -18.54
CA ILE A 74 -7.36 1.55 -17.36
C ILE A 74 -8.68 2.31 -17.22
N LYS A 75 -8.63 3.62 -17.47
CA LYS A 75 -9.81 4.48 -17.39
C LYS A 75 -10.93 3.95 -18.29
N GLY A 76 -10.54 3.33 -19.40
CA GLY A 76 -11.49 2.77 -20.34
C GLY A 76 -12.36 1.69 -19.72
N LEU A 77 -11.73 0.79 -18.95
CA LEU A 77 -12.45 -0.28 -18.27
C LEU A 77 -12.94 0.17 -16.90
N LYS A 78 -13.74 1.24 -16.90
CA LYS A 78 -14.30 1.79 -15.67
C LYS A 78 -15.63 1.12 -15.33
N ASN A 79 -16.39 0.74 -16.35
CA ASN A 79 -17.69 0.10 -16.16
C ASN A 79 -17.60 -1.42 -16.40
N GLN A 80 -16.78 -2.10 -15.60
CA GLN A 80 -16.62 -3.55 -15.71
C GLN A 80 -16.85 -4.23 -14.35
N SER A 81 -17.04 -5.54 -14.38
CA SER A 81 -17.27 -6.30 -13.14
C SER A 81 -16.00 -6.98 -12.61
N ARG A 82 -14.96 -7.03 -13.44
CA ARG A 82 -13.70 -7.65 -13.03
C ARG A 82 -12.51 -6.92 -13.65
N VAL A 83 -11.50 -6.64 -12.83
CA VAL A 83 -10.30 -5.94 -13.30
C VAL A 83 -9.08 -6.85 -13.24
N LYS A 84 -8.65 -7.34 -14.41
CA LYS A 84 -7.49 -8.20 -14.51
C LYS A 84 -6.24 -7.37 -14.81
N LEU A 85 -5.21 -7.50 -13.98
CA LEU A 85 -3.99 -6.73 -14.18
C LEU A 85 -2.74 -7.52 -13.81
N ASN A 86 -1.91 -7.76 -14.80
CA ASN A 86 -0.65 -8.46 -14.57
C ASN A 86 0.42 -7.45 -14.20
N ILE A 87 0.63 -7.28 -12.89
CA ILE A 87 1.57 -6.30 -12.39
C ILE A 87 2.70 -6.95 -11.59
N VAL A 88 3.80 -6.21 -11.45
CA VAL A 88 4.96 -6.68 -10.69
C VAL A 88 4.97 -6.01 -9.32
N ARG A 89 4.66 -6.79 -8.29
CA ARG A 89 4.62 -6.29 -6.92
C ARG A 89 6.02 -6.06 -6.35
N CYS A 90 6.34 -4.81 -6.06
CA CYS A 90 7.64 -4.44 -5.50
C CYS A 90 7.45 -3.57 -4.24
N PRO A 91 6.68 -4.06 -3.25
CA PRO A 91 6.43 -3.34 -2.00
C PRO A 91 7.46 -3.64 -0.91
N PRO A 92 8.26 -2.63 -0.51
CA PRO A 92 9.29 -2.81 0.53
C PRO A 92 8.67 -3.12 1.89
N VAL A 93 8.90 -4.35 2.36
CA VAL A 93 8.36 -4.78 3.65
C VAL A 93 9.41 -4.70 4.75
N THR A 94 9.10 -3.95 5.81
CA THR A 94 10.02 -3.79 6.94
C THR A 94 9.53 -4.60 8.14
N THR A 95 10.45 -5.29 8.80
CA THR A 95 10.11 -6.09 9.97
C THR A 95 10.26 -5.25 11.24
N VAL A 96 9.13 -4.96 11.89
CA VAL A 96 9.11 -4.17 13.10
C VAL A 96 9.21 -5.06 14.34
N LEU A 97 10.37 -5.04 14.99
CA LEU A 97 10.60 -5.82 16.19
C LEU A 97 10.52 -4.93 17.43
N ILE A 98 9.33 -4.83 18.03
CA ILE A 98 9.14 -3.98 19.21
C ILE A 98 9.02 -4.82 20.47
N ARG A 99 10.09 -4.82 21.26
CA ARG A 99 10.13 -5.58 22.51
C ARG A 99 9.47 -4.80 23.64
N ARG A 100 8.64 -5.49 24.42
CA ARG A 100 7.93 -4.86 25.54
C ARG A 100 8.12 -5.67 26.83
N PRO A 101 8.91 -5.13 27.78
CA PRO A 101 9.17 -5.82 29.06
C PRO A 101 7.91 -5.95 29.91
N ASP A 102 7.04 -4.93 29.88
CA ASP A 102 5.81 -4.94 30.64
C ASP A 102 4.65 -4.35 29.82
N LEU A 103 3.42 -4.61 30.28
CA LEU A 103 2.22 -4.10 29.59
C LEU A 103 2.07 -2.59 29.77
N ARG A 104 2.77 -2.02 30.77
CA ARG A 104 2.71 -0.59 31.03
C ARG A 104 3.82 0.17 30.32
N TYR A 105 4.41 -0.46 29.29
CA TYR A 105 5.50 0.18 28.53
C TYR A 105 4.98 0.71 27.19
N GLN A 106 5.40 1.92 26.85
CA GLN A 106 4.98 2.55 25.59
C GLN A 106 5.94 2.19 24.46
N LEU A 107 5.38 1.66 23.36
CA LEU A 107 6.18 1.28 22.21
C LEU A 107 6.90 2.48 21.60
N GLY A 108 6.15 3.56 21.37
CA GLY A 108 6.72 4.77 20.81
C GLY A 108 6.33 5.00 19.36
N PHE A 109 5.01 5.04 19.10
CA PHE A 109 4.50 5.26 17.74
C PHE A 109 2.96 5.29 17.74
N SER A 110 2.38 5.67 16.60
CA SER A 110 0.93 5.73 16.45
C SER A 110 0.48 5.02 15.18
N VAL A 111 -0.46 4.09 15.33
CA VAL A 111 -0.98 3.34 14.20
C VAL A 111 -2.42 3.76 13.88
N GLN A 112 -2.67 4.07 12.61
CA GLN A 112 -4.00 4.48 12.17
C GLN A 112 -4.54 3.53 11.10
N ASN A 113 -5.21 2.47 11.56
CA ASN A 113 -5.79 1.46 10.68
C ASN A 113 -4.72 0.66 9.93
N GLY A 114 -4.04 1.31 8.98
CA GLY A 114 -3.01 0.62 8.21
C GLY A 114 -1.76 1.45 7.96
N ILE A 115 -1.76 2.72 8.40
CA ILE A 115 -0.61 3.59 8.19
C ILE A 115 -0.08 4.16 9.51
N ILE A 116 1.22 4.43 9.55
CA ILE A 116 1.86 4.99 10.74
C ILE A 116 2.06 6.50 10.60
N CYS A 117 1.77 7.24 11.67
CA CYS A 117 1.91 8.69 11.65
C CYS A 117 2.92 9.18 12.69
N SER A 118 2.67 8.88 13.96
CA SER A 118 3.55 9.28 15.05
C SER A 118 4.64 8.23 15.30
N LEU A 119 5.77 8.69 15.84
CA LEU A 119 6.90 7.80 16.14
C LEU A 119 7.89 8.48 17.08
N MET A 120 8.22 7.79 18.17
CA MET A 120 9.17 8.31 19.16
C MET A 120 10.61 8.13 18.66
N ARG A 121 11.34 9.25 18.57
CA ARG A 121 12.72 9.22 18.11
C ARG A 121 13.60 8.46 19.10
N GLY A 122 14.07 7.28 18.69
CA GLY A 122 14.91 6.46 19.53
C GLY A 122 14.11 5.57 20.48
N GLY A 123 12.89 5.22 20.07
CA GLY A 123 12.04 4.36 20.89
C GLY A 123 12.14 2.90 20.49
N ILE A 124 11.25 2.08 21.04
CA ILE A 124 11.23 0.65 20.73
C ILE A 124 10.57 0.39 19.38
N ALA A 125 9.43 1.05 19.14
CA ALA A 125 8.72 0.90 17.87
C ALA A 125 9.62 1.30 16.70
N GLU A 126 10.32 2.42 16.85
CA GLU A 126 11.22 2.93 15.82
C GLU A 126 12.44 2.02 15.67
N ARG A 127 12.96 1.52 16.80
CA ARG A 127 14.13 0.64 16.80
C ARG A 127 13.84 -0.65 16.02
N GLY A 128 12.64 -1.19 16.19
CA GLY A 128 12.26 -2.42 15.49
C GLY A 128 12.25 -2.26 13.98
N GLY A 129 11.32 -1.45 13.49
CA GLY A 129 11.21 -1.23 12.05
C GLY A 129 10.19 -0.16 11.66
N VAL A 130 9.12 -0.02 12.46
CA VAL A 130 8.07 0.96 12.19
C VAL A 130 8.65 2.31 11.76
N ARG A 131 8.03 2.91 10.75
CA ARG A 131 8.47 4.20 10.23
C ARG A 131 7.28 5.04 9.78
N VAL A 132 7.36 6.36 9.99
CA VAL A 132 6.30 7.27 9.59
C VAL A 132 6.15 7.29 8.08
N GLY A 133 5.01 6.81 7.60
CA GLY A 133 4.75 6.75 6.17
C GLY A 133 4.52 5.32 5.68
N HIS A 134 4.98 4.35 6.46
CA HIS A 134 4.82 2.93 6.11
C HIS A 134 3.36 2.49 6.25
N ARG A 135 3.12 1.21 6.07
CA ARG A 135 1.77 0.65 6.16
C ARG A 135 1.80 -0.71 6.85
N ILE A 136 1.65 -0.72 8.18
CA ILE A 136 1.65 -1.96 8.95
C ILE A 136 0.63 -2.94 8.38
N ILE A 137 1.02 -4.20 8.28
CA ILE A 137 0.13 -5.22 7.73
C ILE A 137 0.09 -6.50 8.57
N GLU A 138 1.04 -7.41 8.36
CA GLU A 138 1.07 -8.68 9.09
C GLU A 138 1.78 -8.59 10.44
N ILE A 139 1.00 -8.28 11.49
CA ILE A 139 1.55 -8.20 12.85
C ILE A 139 1.47 -9.55 13.55
N ASN A 140 2.61 -10.21 13.67
CA ASN A 140 2.70 -11.52 14.33
C ASN A 140 1.73 -12.52 13.69
N GLY A 141 1.57 -12.44 12.37
CA GLY A 141 0.68 -13.36 11.66
C GLY A 141 -0.74 -12.83 11.51
N GLN A 142 -1.02 -11.65 12.09
CA GLN A 142 -2.35 -11.06 12.01
C GLN A 142 -2.35 -9.84 11.10
N SER A 143 -3.08 -9.93 9.99
CA SER A 143 -3.15 -8.83 9.02
C SER A 143 -4.05 -7.71 9.55
N VAL A 144 -3.41 -6.60 9.93
CA VAL A 144 -4.11 -5.43 10.44
C VAL A 144 -4.23 -4.33 9.39
N VAL A 145 -3.77 -4.61 8.16
CA VAL A 145 -3.82 -3.64 7.08
C VAL A 145 -5.23 -3.07 6.90
N ALA A 146 -6.25 -3.92 7.08
CA ALA A 146 -7.63 -3.49 6.98
C ALA A 146 -8.33 -3.57 8.34
N THR A 147 -7.55 -3.37 9.41
CA THR A 147 -8.07 -3.41 10.78
C THR A 147 -8.05 -2.02 11.42
N PRO A 148 -9.07 -1.71 12.25
CA PRO A 148 -9.19 -0.40 12.93
C PRO A 148 -7.93 -0.05 13.74
N HIS A 149 -7.71 1.26 13.92
CA HIS A 149 -6.56 1.75 14.68
C HIS A 149 -6.59 1.28 16.14
N GLU A 150 -7.78 1.28 16.74
CA GLU A 150 -7.94 0.86 18.13
C GLU A 150 -7.54 -0.60 18.33
N LYS A 151 -7.87 -1.45 17.34
CA LYS A 151 -7.54 -2.87 17.41
C LYS A 151 -6.04 -3.08 17.37
N ILE A 152 -5.37 -2.46 16.40
CA ILE A 152 -3.91 -2.60 16.26
C ILE A 152 -3.20 -2.13 17.52
N VAL A 153 -3.61 -0.98 18.04
CA VAL A 153 -3.04 -0.42 19.25
C VAL A 153 -3.26 -1.39 20.42
N HIS A 154 -4.37 -2.12 20.41
CA HIS A 154 -4.69 -3.08 21.47
C HIS A 154 -3.66 -4.21 21.51
N ILE A 155 -3.40 -4.85 20.36
CA ILE A 155 -2.43 -5.94 20.30
C ILE A 155 -1.10 -5.49 20.87
N LEU A 156 -0.58 -4.41 20.30
CA LEU A 156 0.70 -3.87 20.75
C LEU A 156 0.62 -3.42 22.22
N SER A 157 -0.55 -2.99 22.66
CA SER A 157 -0.76 -2.57 24.04
C SER A 157 -0.70 -3.78 24.98
N ASN A 158 -1.04 -4.96 24.47
CA ASN A 158 -1.03 -6.18 25.28
C ASN A 158 -0.17 -7.28 24.63
N ALA A 159 0.84 -6.88 23.86
CA ALA A 159 1.73 -7.83 23.20
C ALA A 159 3.13 -7.81 23.84
N VAL A 160 3.17 -7.95 25.16
CA VAL A 160 4.42 -7.95 25.90
C VAL A 160 5.36 -9.06 25.41
N GLY A 161 6.64 -8.72 25.27
CA GLY A 161 7.63 -9.68 24.83
C GLY A 161 8.42 -9.18 23.63
N GLU A 162 8.01 -9.60 22.43
CA GLU A 162 8.68 -9.18 21.21
C GLU A 162 7.69 -9.10 20.04
N ILE A 163 7.14 -7.91 19.82
CA ILE A 163 6.17 -7.69 18.74
C ILE A 163 6.87 -7.75 17.38
N HIS A 164 6.54 -8.76 16.59
CA HIS A 164 7.11 -8.93 15.26
C HIS A 164 6.04 -8.72 14.20
N MET A 165 6.18 -7.68 13.39
CA MET A 165 5.21 -7.38 12.35
C MET A 165 5.86 -6.95 11.03
N LYS A 166 5.05 -6.88 9.99
CA LYS A 166 5.52 -6.47 8.67
C LYS A 166 4.85 -5.15 8.29
N THR A 167 5.56 -4.32 7.53
CA THR A 167 5.02 -3.03 7.11
C THR A 167 5.31 -2.75 5.64
N MET A 168 4.24 -2.46 4.89
CA MET A 168 4.34 -2.16 3.47
C MET A 168 4.39 -0.64 3.25
N PRO A 169 4.52 -0.18 1.99
CA PRO A 169 4.57 1.25 1.69
C PRO A 169 3.18 1.85 1.48
N ALA A 170 2.88 2.91 2.24
CA ALA A 170 1.58 3.59 2.14
C ALA A 170 1.57 4.58 0.98
N ALA A 171 0.54 5.44 0.93
CA ALA A 171 0.41 6.44 -0.12
C ALA A 171 1.64 7.34 -0.19
N MET A 172 1.96 7.82 -1.40
CA MET A 172 3.12 8.69 -1.60
C MET A 172 2.93 10.05 -0.91
N TYR A 173 3.95 10.48 -0.19
CA TYR A 173 3.92 11.75 0.53
C TYR A 173 4.44 12.89 -0.36
N ARG A 174 3.57 13.87 -0.61
CA ARG A 174 3.95 15.01 -1.45
C ARG A 174 4.23 16.26 -0.60
N LEU A 175 5.24 16.14 0.27
CA LEU A 175 5.68 17.23 1.17
C LEU A 175 4.52 18.17 1.55
N LEU A 176 4.32 19.23 0.77
CA LEU A 176 3.26 20.20 1.04
C LEU A 176 2.50 20.56 -0.24
N THR A 177 3.24 20.81 -1.33
CA THR A 177 2.64 21.16 -2.61
C THR A 177 1.75 20.03 -3.15
N ALA A 178 0.98 20.34 -4.20
CA ALA A 178 0.09 19.37 -4.83
C ALA A 178 -1.10 19.06 -3.91
N GLN A 179 -2.09 19.95 -3.92
CA GLN A 179 -3.29 19.78 -3.10
C GLN A 179 -4.34 18.92 -3.81
N GLU A 180 -4.40 19.03 -5.14
CA GLU A 180 -5.36 18.26 -5.94
C GLU A 180 -4.91 16.80 -6.07
N GLN A 181 -5.88 15.89 -6.08
CA GLN A 181 -5.60 14.46 -6.21
C GLN A 181 -5.25 14.09 -7.65
N PRO A 182 -4.23 13.23 -7.83
CA PRO A 182 -3.80 12.79 -9.16
C PRO A 182 -4.86 11.96 -9.88
N VAL A 183 -4.66 11.74 -11.19
CA VAL A 183 -5.59 10.96 -12.00
C VAL A 183 -5.80 9.56 -11.41
N TYR A 184 -7.05 9.25 -11.05
CA TYR A 184 -7.39 7.96 -10.47
C TYR A 184 -8.09 7.06 -11.48
N ILE A 185 -7.42 5.99 -11.89
CA ILE A 185 -7.98 5.04 -12.85
C ILE A 185 -8.75 3.92 -12.14
#